data_6HXP
#
_entry.id   6HXP
#
_cell.length_a   130.596
_cell.length_b   130.596
_cell.length_c   83.947
_cell.angle_alpha   90.00
_cell.angle_beta   90.00
_cell.angle_gamma   90.00
#
_symmetry.space_group_name_H-M   'I 41 2 2'
#
loop_
_entity.id
_entity.type
_entity.pdbx_description
1 polymer 'Citryl-CoA lyase'
2 non-polymer 'COENZYME A'
3 non-polymer 'SULFATE ION'
4 water water
#
_entity_poly.entity_id   1
_entity_poly.type   'polypeptide(L)'
_entity_poly.pdbx_seq_one_letter_code
;MERIWKTGITQHIGHETYIRGYRLLDLVGNLSFAQAIYLILKGELPTERESRMMEAMLVSVIDHGIAPPSAIAARSVASG
GNSLNVGVAAGVLAFGSAHGGALEDAMRFIQEGVSSKRSVEDIVKEYLETKKPIPGYGHRYYKDFDPRTKRLMDIARVLE
FYGEHCKFAEDVAEEIGRQKGKKLVLNVDGAIAAIASEMGFDWRLGKGFFIIGRVPGLVAHVYEELTTEKPFSKRLDEER
DVEYTGSPPRELPQELKKIGGSHHHHHH
;
_entity_poly.pdbx_strand_id   A
#
# COMPACT_ATOMS: atom_id res chain seq x y z
N ARG A 3 -31.90 -8.14 -9.17
CA ARG A 3 -30.58 -8.28 -9.78
C ARG A 3 -29.51 -8.24 -8.69
N ILE A 4 -28.72 -9.31 -8.59
CA ILE A 4 -27.69 -9.42 -7.55
C ILE A 4 -26.42 -8.68 -7.95
N TRP A 5 -26.22 -8.42 -9.24
CA TRP A 5 -25.02 -7.76 -9.74
C TRP A 5 -25.33 -6.30 -9.91
N LYS A 6 -25.06 -5.52 -8.87
CA LYS A 6 -25.33 -4.08 -8.85
C LYS A 6 -24.03 -3.34 -8.81
N THR A 7 -24.00 -2.18 -9.46
CA THR A 7 -22.80 -1.37 -9.46
C THR A 7 -23.09 0.07 -9.84
N GLY A 8 -22.33 0.98 -9.29
CA GLY A 8 -22.37 2.39 -9.64
C GLY A 8 -21.09 2.85 -10.29
N ILE A 9 -20.21 1.90 -10.72
CA ILE A 9 -18.93 2.26 -11.26
C ILE A 9 -18.94 2.56 -12.73
N THR A 10 -19.42 1.62 -13.51
CA THR A 10 -19.36 1.67 -14.97
C THR A 10 -20.65 1.15 -15.56
N GLN A 11 -21.03 1.71 -16.71
CA GLN A 11 -22.11 1.15 -17.50
C GLN A 11 -21.83 1.34 -18.94
N HIS A 12 -22.52 0.59 -19.78
CA HIS A 12 -22.39 0.70 -21.22
C HIS A 12 -23.67 1.28 -21.79
N ILE A 13 -23.55 2.29 -22.63
CA ILE A 13 -24.68 2.91 -23.34
C ILE A 13 -24.31 2.80 -24.81
N GLY A 14 -25.04 1.98 -25.56
CA GLY A 14 -24.80 1.78 -26.99
C GLY A 14 -23.43 1.18 -27.30
N HIS A 15 -23.02 0.19 -26.48
CA HIS A 15 -21.72 -0.49 -26.48
C HIS A 15 -20.54 0.40 -26.00
N GLU A 16 -20.76 1.70 -25.75
CA GLU A 16 -19.70 2.59 -25.28
C GLU A 16 -19.60 2.55 -23.75
N THR A 17 -18.38 2.55 -23.22
CA THR A 17 -18.13 2.48 -21.81
C THR A 17 -18.22 3.87 -21.20
N TYR A 18 -18.95 3.98 -20.09
CA TYR A 18 -19.03 5.18 -19.28
C TYR A 18 -18.48 4.85 -17.91
N ILE A 19 -17.49 5.61 -17.46
CA ILE A 19 -16.84 5.45 -16.17
C ILE A 19 -17.39 6.55 -15.24
N ARG A 20 -18.08 6.19 -14.19
CA ARG A 20 -18.67 7.18 -13.25
C ARG A 20 -19.39 8.27 -14.04
N GLY A 21 -20.11 7.86 -15.08
CA GLY A 21 -20.91 8.77 -15.88
C GLY A 21 -20.20 9.46 -17.02
N TYR A 22 -18.86 9.39 -17.08
CA TYR A 22 -18.14 10.04 -18.17
C TYR A 22 -17.83 9.05 -19.27
N ARG A 23 -17.96 9.49 -20.51
CA ARG A 23 -17.64 8.66 -21.67
C ARG A 23 -16.14 8.33 -21.64
N LEU A 24 -15.81 7.04 -21.57
CA LEU A 24 -14.40 6.64 -21.49
C LEU A 24 -13.60 7.19 -22.67
N LEU A 25 -14.16 7.22 -23.87
CA LEU A 25 -13.44 7.73 -25.02
C LEU A 25 -13.13 9.20 -24.91
N ASP A 26 -13.90 9.99 -24.12
CA ASP A 26 -13.57 11.38 -23.87
C ASP A 26 -12.47 11.51 -22.81
N LEU A 27 -12.33 10.54 -21.91
CA LEU A 27 -11.28 10.59 -20.90
C LEU A 27 -9.95 10.26 -21.55
N VAL A 28 -9.95 9.32 -22.49
CA VAL A 28 -8.71 8.89 -23.18
C VAL A 28 -8.14 10.09 -23.91
N GLY A 29 -6.88 10.41 -23.61
CA GLY A 29 -6.16 11.53 -24.21
C GLY A 29 -6.36 12.86 -23.50
N ASN A 30 -7.31 12.93 -22.55
CA ASN A 30 -7.65 14.14 -21.82
C ASN A 30 -7.35 14.09 -20.35
N LEU A 31 -7.46 12.93 -19.72
CA LEU A 31 -7.08 12.78 -18.32
C LEU A 31 -5.80 11.94 -18.25
N SER A 32 -4.96 12.22 -17.28
CA SER A 32 -3.83 11.33 -17.05
C SER A 32 -4.37 10.06 -16.41
N PHE A 33 -3.55 9.03 -16.40
CA PHE A 33 -3.93 7.76 -15.76
C PHE A 33 -4.23 7.99 -14.26
N ALA A 34 -3.36 8.72 -13.53
CA ALA A 34 -3.62 8.99 -12.12
C ALA A 34 -4.95 9.75 -11.93
N GLN A 35 -5.28 10.70 -12.84
CA GLN A 35 -6.57 11.39 -12.72
C GLN A 35 -7.72 10.45 -12.94
N ALA A 36 -7.61 9.55 -13.93
CA ALA A 36 -8.66 8.55 -14.17
C ALA A 36 -8.80 7.58 -12.99
N ILE A 37 -7.68 7.26 -12.32
CA ILE A 37 -7.73 6.44 -11.12
C ILE A 37 -8.50 7.16 -10.01
N TYR A 38 -8.20 8.43 -9.82
CA TYR A 38 -8.91 9.20 -8.81
C TYR A 38 -10.42 9.14 -9.15
N LEU A 39 -10.76 9.43 -10.40
CA LEU A 39 -12.17 9.42 -10.79
C LEU A 39 -12.84 8.09 -10.50
N ILE A 40 -12.22 6.97 -10.94
CA ILE A 40 -12.93 5.71 -10.79
C ILE A 40 -13.10 5.35 -9.33
N LEU A 41 -12.12 5.69 -8.49
CA LEU A 41 -12.19 5.36 -7.07
C LEU A 41 -13.10 6.29 -6.28
N LYS A 42 -12.98 7.61 -6.52
CA LYS A 42 -13.76 8.59 -5.75
C LYS A 42 -15.17 8.77 -6.29
N GLY A 43 -15.32 8.69 -7.59
CA GLY A 43 -16.60 8.87 -8.28
C GLY A 43 -16.73 10.25 -8.90
N GLU A 44 -15.77 11.12 -8.73
CA GLU A 44 -15.77 12.48 -9.28
C GLU A 44 -14.39 12.85 -9.73
N LEU A 45 -14.29 13.87 -10.58
CA LEU A 45 -13.01 14.31 -11.10
C LEU A 45 -12.19 14.94 -9.98
N PRO A 46 -10.86 14.76 -10.08
CA PRO A 46 -9.99 15.40 -9.08
C PRO A 46 -9.77 16.87 -9.37
N THR A 47 -9.43 17.63 -8.35
CA THR A 47 -8.97 18.99 -8.50
C THR A 47 -7.51 18.95 -9.02
N GLU A 48 -6.93 20.11 -9.35
N GLU A 48 -6.93 20.11 -9.36
CA GLU A 48 -5.55 20.14 -9.80
CA GLU A 48 -5.55 20.11 -9.81
C GLU A 48 -4.62 19.65 -8.70
C GLU A 48 -4.60 19.65 -8.70
N ARG A 49 -4.86 20.06 -7.45
CA ARG A 49 -4.00 19.65 -6.33
C ARG A 49 -4.15 18.16 -6.04
N GLU A 50 -5.36 17.63 -6.08
CA GLU A 50 -5.57 16.20 -5.89
C GLU A 50 -4.88 15.41 -6.97
N SER A 51 -4.93 15.90 -8.20
CA SER A 51 -4.32 15.20 -9.34
C SER A 51 -2.82 15.06 -9.10
N ARG A 52 -2.16 16.16 -8.74
CA ARG A 52 -0.72 16.11 -8.49
C ARG A 52 -0.37 15.21 -7.32
N MET A 53 -1.16 15.25 -6.25
CA MET A 53 -0.86 14.40 -5.11
C MET A 53 -1.07 12.94 -5.44
N MET A 54 -2.09 12.62 -6.26
N MET A 54 -2.07 12.64 -6.28
CA MET A 54 -2.29 11.21 -6.62
CA MET A 54 -2.30 11.25 -6.69
C MET A 54 -1.12 10.69 -7.47
C MET A 54 -1.11 10.71 -7.47
N GLU A 55 -0.63 11.49 -8.42
CA GLU A 55 0.54 11.09 -9.21
C GLU A 55 1.70 10.79 -8.24
N ALA A 56 1.94 11.69 -7.28
CA ALA A 56 3.06 11.52 -6.36
C ALA A 56 2.91 10.31 -5.45
N MET A 57 1.69 10.06 -4.92
N MET A 57 1.71 10.11 -4.96
CA MET A 57 1.48 8.89 -4.03
CA MET A 57 1.36 8.99 -4.07
C MET A 57 1.75 7.62 -4.80
C MET A 57 1.58 7.64 -4.73
N LEU A 58 1.20 7.51 -6.00
CA LEU A 58 1.35 6.26 -6.74
C LEU A 58 2.79 6.01 -7.13
N VAL A 59 3.49 7.03 -7.59
CA VAL A 59 4.91 6.86 -7.93
C VAL A 59 5.69 6.43 -6.71
N SER A 60 5.41 7.01 -5.52
N SER A 60 5.33 6.98 -5.52
CA SER A 60 6.18 6.69 -4.32
CA SER A 60 6.05 6.68 -4.27
C SER A 60 6.19 5.22 -3.92
C SER A 60 6.16 5.22 -3.93
N VAL A 61 5.21 4.43 -4.40
CA VAL A 61 5.17 2.99 -4.06
C VAL A 61 5.37 2.08 -5.28
N ILE A 62 5.95 2.59 -6.37
CA ILE A 62 5.95 1.81 -7.61
C ILE A 62 6.71 0.50 -7.53
N ASP A 63 7.80 0.46 -6.74
CA ASP A 63 8.52 -0.80 -6.55
C ASP A 63 9.40 -0.71 -5.32
N HIS A 64 9.75 -1.86 -4.75
CA HIS A 64 10.65 -1.87 -3.60
C HIS A 64 11.68 -2.98 -3.74
N GLY A 65 11.92 -3.41 -4.96
CA GLY A 65 12.93 -4.39 -5.26
C GLY A 65 12.46 -5.82 -5.09
N ILE A 66 13.42 -6.74 -5.17
CA ILE A 66 13.12 -8.15 -5.15
C ILE A 66 12.96 -8.71 -3.75
N ALA A 67 13.32 -7.98 -2.69
CA ALA A 67 13.28 -8.52 -1.36
C ALA A 67 11.93 -8.74 -0.69
N PRO A 68 10.87 -7.96 -0.95
CA PRO A 68 9.63 -8.15 -0.20
C PRO A 68 8.95 -9.47 -0.55
N PRO A 69 8.12 -9.98 0.35
CA PRO A 69 7.44 -11.27 0.08
C PRO A 69 6.55 -11.24 -1.17
N SER A 70 6.00 -10.09 -1.56
CA SER A 70 5.24 -9.95 -2.79
C SER A 70 6.11 -10.26 -3.98
N ALA A 71 7.34 -9.70 -4.02
CA ALA A 71 8.19 -10.00 -5.18
C ALA A 71 8.63 -11.43 -5.19
N ILE A 72 8.94 -11.97 -4.01
CA ILE A 72 9.37 -13.36 -3.91
C ILE A 72 8.23 -14.26 -4.41
N ALA A 73 7.02 -14.01 -3.94
CA ALA A 73 5.87 -14.85 -4.36
C ALA A 73 5.61 -14.74 -5.85
N ALA A 74 5.59 -13.50 -6.37
CA ALA A 74 5.33 -13.30 -7.80
C ALA A 74 6.34 -14.00 -8.68
N ARG A 75 7.62 -13.84 -8.34
CA ARG A 75 8.67 -14.45 -9.13
C ARG A 75 8.72 -15.97 -8.98
N SER A 76 8.42 -16.50 -7.79
CA SER A 76 8.38 -17.95 -7.57
C SER A 76 7.22 -18.56 -8.37
N VAL A 77 6.05 -17.94 -8.37
CA VAL A 77 4.94 -18.43 -9.20
C VAL A 77 5.31 -18.38 -10.69
N ALA A 78 5.95 -17.28 -11.15
CA ALA A 78 6.40 -17.22 -12.52
C ALA A 78 7.39 -18.36 -12.82
N SER A 79 8.30 -18.63 -11.90
CA SER A 79 9.30 -19.71 -12.03
C SER A 79 8.65 -21.11 -12.21
N GLY A 80 7.46 -21.29 -11.64
CA GLY A 80 6.73 -22.53 -11.81
C GLY A 80 6.21 -22.73 -13.24
N GLY A 81 6.31 -21.70 -14.07
CA GLY A 81 5.93 -21.75 -15.49
C GLY A 81 4.51 -21.28 -15.70
N ASN A 82 4.31 -20.00 -15.48
CA ASN A 82 3.00 -19.40 -15.51
C ASN A 82 3.00 -18.10 -16.33
N SER A 83 1.83 -17.73 -16.81
CA SER A 83 1.64 -16.49 -17.56
C SER A 83 1.86 -15.31 -16.64
N LEU A 84 2.18 -14.17 -17.26
N LEU A 84 2.19 -14.20 -17.22
CA LEU A 84 2.45 -12.91 -16.55
CA LEU A 84 2.49 -13.00 -16.45
C LEU A 84 1.38 -12.54 -15.54
C LEU A 84 1.37 -12.58 -15.50
N ASN A 85 0.08 -12.71 -15.88
CA ASN A 85 -0.97 -12.33 -14.95
C ASN A 85 -0.97 -13.15 -13.68
N VAL A 86 -0.62 -14.43 -13.81
CA VAL A 86 -0.65 -15.34 -12.68
C VAL A 86 0.45 -14.99 -11.67
N GLY A 87 1.66 -14.67 -12.14
CA GLY A 87 2.70 -14.23 -11.25
C GLY A 87 2.34 -12.92 -10.56
N VAL A 88 1.79 -11.95 -11.35
CA VAL A 88 1.46 -10.67 -10.73
C VAL A 88 0.41 -10.85 -9.66
N ALA A 89 -0.61 -11.65 -9.94
CA ALA A 89 -1.65 -11.92 -8.95
C ALA A 89 -1.09 -12.50 -7.68
N ALA A 90 -0.11 -13.41 -7.78
CA ALA A 90 0.49 -13.98 -6.58
C ALA A 90 1.18 -12.93 -5.74
N GLY A 91 1.80 -11.96 -6.41
CA GLY A 91 2.37 -10.84 -5.68
C GLY A 91 1.35 -10.03 -4.92
N VAL A 92 0.23 -9.75 -5.56
CA VAL A 92 -0.86 -9.00 -4.95
C VAL A 92 -1.42 -9.72 -3.74
N LEU A 93 -1.47 -11.03 -3.78
CA LEU A 93 -1.91 -11.79 -2.62
C LEU A 93 -1.07 -11.54 -1.42
N ALA A 94 0.22 -11.24 -1.59
CA ALA A 94 1.09 -11.06 -0.43
C ALA A 94 0.86 -9.76 0.31
N PHE A 95 0.05 -8.84 -0.23
CA PHE A 95 -0.20 -7.55 0.42
C PHE A 95 -1.21 -7.69 1.57
N GLY A 96 -0.81 -8.39 2.61
CA GLY A 96 -1.64 -8.65 3.75
C GLY A 96 -1.47 -7.65 4.86
N SER A 97 -1.82 -8.08 6.07
CA SER A 97 -1.76 -7.22 7.23
C SER A 97 -0.40 -6.64 7.53
N ALA A 98 0.67 -7.37 7.17
CA ALA A 98 2.04 -6.93 7.42
C ALA A 98 2.71 -6.30 6.18
N HIS A 99 1.98 -6.19 5.07
CA HIS A 99 2.50 -5.73 3.80
C HIS A 99 1.42 -4.98 3.03
N GLY A 100 0.83 -3.99 3.71
CA GLY A 100 -0.19 -3.13 3.08
C GLY A 100 -1.35 -2.77 3.98
N GLY A 101 -1.66 -3.65 4.92
CA GLY A 101 -2.74 -3.38 5.87
C GLY A 101 -2.55 -2.15 6.72
N ALA A 102 -1.30 -1.73 6.95
CA ALA A 102 -1.05 -0.52 7.74
C ALA A 102 -1.64 0.69 7.09
N LEU A 103 -1.81 0.70 5.75
CA LEU A 103 -2.46 1.85 5.08
C LEU A 103 -3.90 1.99 5.53
N GLU A 104 -4.64 0.87 5.59
CA GLU A 104 -6.01 0.91 6.09
C GLU A 104 -6.04 1.37 7.55
N ASP A 105 -5.17 0.78 8.38
CA ASP A 105 -5.15 1.09 9.79
C ASP A 105 -4.79 2.56 10.04
N ALA A 106 -3.78 3.05 9.36
CA ALA A 106 -3.33 4.43 9.54
C ALA A 106 -4.39 5.41 9.03
N MET A 107 -5.09 5.09 7.93
CA MET A 107 -6.17 5.98 7.48
C MET A 107 -7.28 6.04 8.51
N ARG A 108 -7.63 4.90 9.12
CA ARG A 108 -8.70 4.91 10.14
C ARG A 108 -8.27 5.73 11.34
N PHE A 109 -7.03 5.51 11.80
CA PHE A 109 -6.49 6.24 12.95
C PHE A 109 -6.45 7.77 12.71
N ILE A 110 -5.92 8.19 11.55
CA ILE A 110 -5.83 9.59 11.21
C ILE A 110 -7.22 10.21 11.06
N GLN A 111 -8.14 9.52 10.39
CA GLN A 111 -9.48 10.07 10.21
C GLN A 111 -10.24 10.13 11.51
N GLU A 112 -10.17 9.06 12.32
CA GLU A 112 -10.86 9.08 13.60
C GLU A 112 -10.24 10.08 14.57
N GLY A 113 -8.92 10.24 14.49
CA GLY A 113 -8.18 11.20 15.30
C GLY A 113 -8.63 12.62 15.02
N VAL A 114 -8.70 12.99 13.74
CA VAL A 114 -9.14 14.33 13.32
C VAL A 114 -10.60 14.57 13.70
N SER A 115 -11.49 13.60 13.45
CA SER A 115 -12.93 13.79 13.74
C SER A 115 -13.26 13.77 15.24
N SER A 116 -12.42 13.14 16.08
CA SER A 116 -12.69 13.10 17.51
C SER A 116 -12.58 14.48 18.16
N LYS A 117 -11.72 15.36 17.60
CA LYS A 117 -11.40 16.67 18.14
C LYS A 117 -10.75 16.55 19.54
N ARG A 118 -10.17 15.38 19.87
CA ARG A 118 -9.48 15.18 21.16
C ARG A 118 -8.07 15.65 20.90
N SER A 119 -7.35 16.03 21.94
CA SER A 119 -5.98 16.51 21.76
C SER A 119 -5.06 15.38 21.31
N VAL A 120 -4.05 15.74 20.54
CA VAL A 120 -3.05 14.76 20.08
C VAL A 120 -2.36 14.14 21.32
N GLU A 121 -2.08 14.94 22.38
CA GLU A 121 -1.50 14.42 23.62
C GLU A 121 -2.31 13.26 24.20
N ASP A 122 -3.63 13.45 24.30
CA ASP A 122 -4.55 12.47 24.90
C ASP A 122 -4.65 11.22 24.06
N ILE A 123 -4.78 11.38 22.74
CA ILE A 123 -4.85 10.27 21.80
C ILE A 123 -3.58 9.42 21.91
N VAL A 124 -2.39 10.05 21.86
CA VAL A 124 -1.11 9.31 21.94
C VAL A 124 -0.95 8.66 23.33
N LYS A 125 -1.29 9.38 24.40
CA LYS A 125 -1.19 8.81 25.76
C LYS A 125 -2.02 7.53 25.86
N GLU A 126 -3.28 7.56 25.38
CA GLU A 126 -4.17 6.39 25.39
C GLU A 126 -3.55 5.20 24.62
N TYR A 127 -2.93 5.43 23.45
CA TYR A 127 -2.30 4.33 22.69
C TYR A 127 -1.07 3.79 23.36
N LEU A 128 -0.18 4.68 23.81
CA LEU A 128 1.07 4.26 24.46
C LEU A 128 0.78 3.51 25.75
N GLU A 129 -0.26 3.93 26.50
CA GLU A 129 -0.64 3.29 27.76
C GLU A 129 -1.10 1.84 27.57
N THR A 130 -1.90 1.57 26.54
CA THR A 130 -2.44 0.23 26.26
C THR A 130 -1.50 -0.64 25.40
N LYS A 131 -0.26 -0.17 25.10
CA LYS A 131 0.77 -0.91 24.35
C LYS A 131 0.27 -1.39 22.97
N LYS A 132 -0.66 -0.63 22.36
CA LYS A 132 -1.22 -0.96 21.05
C LYS A 132 -0.35 -0.21 20.04
N PRO A 133 0.13 -0.84 18.95
CA PRO A 133 0.95 -0.09 17.98
C PRO A 133 0.16 1.03 17.31
N ILE A 134 0.76 2.20 17.17
CA ILE A 134 0.13 3.32 16.48
C ILE A 134 0.40 3.11 14.99
N PRO A 135 -0.64 2.93 14.16
CA PRO A 135 -0.37 2.61 12.75
C PRO A 135 0.18 3.76 11.95
N GLY A 136 1.16 3.46 11.09
CA GLY A 136 1.80 4.45 10.24
C GLY A 136 3.01 5.13 10.85
N TYR A 137 3.50 4.64 12.02
CA TYR A 137 4.64 5.22 12.71
C TYR A 137 5.71 4.19 12.96
N GLY A 138 6.95 4.66 12.93
CA GLY A 138 8.13 3.86 13.17
C GLY A 138 8.79 3.28 11.93
N HIS A 139 10.11 3.06 12.00
CA HIS A 139 10.89 2.48 10.91
C HIS A 139 12.12 1.81 11.49
N ARG A 140 12.55 0.69 10.90
CA ARG A 140 13.74 -0.03 11.40
C ARG A 140 15.03 0.79 11.32
N TYR A 141 15.17 1.62 10.29
CA TYR A 141 16.36 2.44 10.05
C TYR A 141 16.16 3.93 10.32
N TYR A 142 15.09 4.52 9.77
CA TYR A 142 14.86 5.96 9.91
C TYR A 142 14.35 6.32 11.30
N LYS A 143 15.17 7.02 12.07
CA LYS A 143 14.83 7.45 13.43
C LYS A 143 14.68 8.95 13.55
N ASP A 144 14.99 9.72 12.50
CA ASP A 144 14.86 11.20 12.48
C ASP A 144 13.63 11.53 11.66
N PHE A 145 13.62 11.07 10.41
CA PHE A 145 12.48 11.27 9.52
C PHE A 145 12.57 10.25 8.42
N ASP A 146 11.40 9.90 7.87
CA ASP A 146 11.31 9.00 6.72
C ASP A 146 11.41 9.91 5.49
N PRO A 147 12.48 9.80 4.67
CA PRO A 147 12.60 10.72 3.53
C PRO A 147 11.45 10.64 2.54
N ARG A 148 10.78 9.50 2.50
CA ARG A 148 9.66 9.31 1.58
C ARG A 148 8.45 10.10 2.07
N THR A 149 8.26 10.16 3.40
CA THR A 149 7.23 10.97 3.99
C THR A 149 7.57 12.46 3.76
N LYS A 150 8.82 12.85 4.02
CA LYS A 150 9.24 14.24 3.86
C LYS A 150 9.00 14.69 2.42
N ARG A 151 9.31 13.86 1.44
CA ARG A 151 9.12 14.26 0.06
C ARG A 151 7.64 14.53 -0.24
N LEU A 152 6.78 13.59 0.20
CA LEU A 152 5.34 13.72 -0.03
C LEU A 152 4.76 14.96 0.70
N MET A 153 5.18 15.18 1.93
CA MET A 153 4.68 16.32 2.71
C MET A 153 5.21 17.62 2.15
N ASP A 154 6.45 17.63 1.64
CA ASP A 154 6.99 18.87 1.05
C ASP A 154 6.15 19.21 -0.17
N ILE A 155 5.83 18.21 -0.98
CA ILE A 155 4.97 18.46 -2.17
C ILE A 155 3.59 18.95 -1.73
N ALA A 156 3.01 18.28 -0.73
CA ALA A 156 1.68 18.70 -0.23
C ALA A 156 1.73 20.17 0.25
N ARG A 157 2.82 20.60 0.90
N ARG A 157 2.80 20.57 0.94
CA ARG A 157 2.93 21.99 1.36
CA ARG A 157 2.90 21.93 1.44
C ARG A 157 3.12 22.96 0.19
C ARG A 157 3.04 22.96 0.31
N VAL A 158 3.99 22.62 -0.79
N VAL A 158 3.94 22.72 -0.67
CA VAL A 158 4.23 23.52 -1.95
CA VAL A 158 4.12 23.70 -1.76
C VAL A 158 2.92 23.77 -2.73
C VAL A 158 2.85 23.83 -2.64
N LEU A 159 2.09 22.73 -2.80
CA LEU A 159 0.82 22.78 -3.52
C LEU A 159 -0.31 23.37 -2.73
N GLU A 160 -0.12 23.62 -1.41
CA GLU A 160 -1.17 24.13 -0.52
C GLU A 160 -2.29 23.08 -0.37
N PHE A 161 -1.91 21.82 -0.50
CA PHE A 161 -2.78 20.67 -0.32
C PHE A 161 -2.77 20.22 1.15
N TYR A 162 -1.61 20.34 1.80
CA TYR A 162 -1.41 19.98 3.19
C TYR A 162 -2.53 20.58 4.04
N GLY A 163 -3.25 19.70 4.73
CA GLY A 163 -4.38 20.12 5.55
C GLY A 163 -4.44 19.45 6.90
N GLU A 164 -5.64 19.37 7.43
CA GLU A 164 -5.89 18.87 8.80
C GLU A 164 -5.41 17.45 9.03
N HIS A 165 -5.57 16.57 8.03
CA HIS A 165 -5.11 15.19 8.15
C HIS A 165 -3.60 15.06 8.13
N CYS A 166 -2.94 15.79 7.22
CA CYS A 166 -1.47 15.80 7.17
C CYS A 166 -0.92 16.35 8.47
N LYS A 167 -1.52 17.46 8.97
CA LYS A 167 -1.08 18.10 10.22
C LYS A 167 -1.21 17.16 11.40
N PHE A 168 -2.37 16.50 11.52
CA PHE A 168 -2.61 15.52 12.58
C PHE A 168 -1.56 14.42 12.54
N ALA A 169 -1.33 13.84 11.36
CA ALA A 169 -0.35 12.75 11.24
C ALA A 169 1.05 13.19 11.69
N GLU A 170 1.47 14.39 11.32
CA GLU A 170 2.80 14.89 11.76
C GLU A 170 2.80 15.30 13.21
N ASP A 171 1.69 15.87 13.70
CA ASP A 171 1.61 16.24 15.12
C ASP A 171 1.73 14.99 15.99
N VAL A 172 1.13 13.86 15.57
CA VAL A 172 1.23 12.61 16.33
C VAL A 172 2.68 12.13 16.40
N ALA A 173 3.45 12.21 15.31
CA ALA A 173 4.85 11.77 15.36
C ALA A 173 5.63 12.60 16.40
N GLU A 174 5.43 13.91 16.38
CA GLU A 174 6.12 14.81 17.31
C GLU A 174 5.73 14.48 18.74
N GLU A 175 4.44 14.22 18.98
CA GLU A 175 3.95 13.88 20.33
C GLU A 175 4.45 12.52 20.81
N ILE A 176 4.57 11.52 19.92
CA ILE A 176 5.11 10.22 20.32
C ILE A 176 6.55 10.45 20.83
N GLY A 177 7.32 11.24 20.09
CA GLY A 177 8.70 11.59 20.45
C GLY A 177 8.79 12.26 21.79
N ARG A 178 7.86 13.19 22.06
N ARG A 178 7.86 13.20 22.07
CA ARG A 178 7.77 13.93 23.30
CA ARG A 178 7.83 13.91 23.35
C ARG A 178 7.46 13.00 24.48
C ARG A 178 7.50 12.95 24.50
N GLN A 179 6.49 12.09 24.31
CA GLN A 179 6.08 11.14 25.36
C GLN A 179 7.07 10.00 25.57
N LYS A 180 7.69 9.47 24.51
CA LYS A 180 8.66 8.38 24.66
C LYS A 180 10.12 8.85 24.93
N GLY A 181 10.45 10.12 24.66
CA GLY A 181 11.82 10.60 24.72
C GLY A 181 12.69 10.00 23.62
N LYS A 182 12.05 9.38 22.59
CA LYS A 182 12.71 8.72 21.46
C LYS A 182 11.79 8.96 20.26
N LYS A 183 12.33 9.54 19.20
CA LYS A 183 11.53 9.86 18.02
C LYS A 183 11.12 8.61 17.24
N LEU A 184 9.82 8.54 16.84
CA LEU A 184 9.25 7.48 16.01
C LEU A 184 8.69 8.22 14.77
N VAL A 185 9.23 7.95 13.61
CA VAL A 185 8.88 8.70 12.40
C VAL A 185 7.49 8.39 11.91
N LEU A 186 6.90 9.37 11.21
CA LEU A 186 5.70 9.14 10.40
C LEU A 186 6.26 8.43 9.15
N ASN A 187 5.98 7.16 8.99
CA ASN A 187 6.54 6.39 7.87
C ASN A 187 5.71 6.58 6.63
N VAL A 188 6.20 6.07 5.49
CA VAL A 188 5.53 6.29 4.23
C VAL A 188 4.09 5.75 4.20
N ASP A 189 3.81 4.70 4.98
CA ASP A 189 2.42 4.20 5.03
C ASP A 189 1.54 5.26 5.70
N GLY A 190 2.00 5.84 6.80
CA GLY A 190 1.26 6.89 7.47
C GLY A 190 1.11 8.12 6.58
N ALA A 191 2.16 8.47 5.81
CA ALA A 191 2.13 9.64 4.90
C ALA A 191 1.08 9.46 3.79
N ILE A 192 1.08 8.30 3.14
CA ILE A 192 0.07 8.02 2.11
C ILE A 192 -1.31 7.99 2.73
N ALA A 193 -1.45 7.37 3.90
CA ALA A 193 -2.72 7.36 4.59
C ALA A 193 -3.21 8.79 4.89
N ALA A 194 -2.31 9.71 5.32
CA ALA A 194 -2.70 11.07 5.59
C ALA A 194 -3.17 11.77 4.34
N ILE A 195 -2.46 11.58 3.24
CA ILE A 195 -2.77 12.25 1.97
C ILE A 195 -4.10 11.71 1.42
N ALA A 196 -4.28 10.38 1.43
CA ALA A 196 -5.53 9.81 0.93
C ALA A 196 -6.70 10.26 1.81
N SER A 197 -6.46 10.42 3.11
CA SER A 197 -7.50 10.93 4.01
C SER A 197 -7.82 12.38 3.72
N GLU A 198 -6.79 13.18 3.42
CA GLU A 198 -6.97 14.59 3.05
C GLU A 198 -7.86 14.70 1.82
N MET A 199 -7.77 13.72 0.87
N MET A 199 -7.82 13.73 0.90
CA MET A 199 -8.60 13.62 -0.35
CA MET A 199 -8.68 13.74 -0.29
C MET A 199 -10.03 13.13 -0.05
C MET A 199 -10.07 13.19 -0.03
N GLY A 200 -10.34 12.73 1.19
CA GLY A 200 -11.66 12.24 1.55
C GLY A 200 -11.94 10.79 1.22
N PHE A 201 -10.90 9.96 0.99
CA PHE A 201 -11.13 8.57 0.74
C PHE A 201 -11.40 7.80 2.01
N ASP A 202 -12.24 6.77 1.90
N ASP A 202 -12.23 6.77 1.91
CA ASP A 202 -12.57 5.90 3.02
CA ASP A 202 -12.55 5.87 2.99
C ASP A 202 -11.35 5.05 3.37
C ASP A 202 -11.31 5.05 3.37
N TRP A 203 -11.10 4.86 4.68
CA TRP A 203 -9.95 4.04 5.15
C TRP A 203 -9.97 2.61 4.60
N ARG A 204 -11.17 2.11 4.26
CA ARG A 204 -11.29 0.77 3.70
C ARG A 204 -10.73 0.64 2.30
N LEU A 205 -10.35 1.75 1.68
CA LEU A 205 -9.72 1.75 0.37
C LEU A 205 -8.17 1.82 0.46
N GLY A 206 -7.61 1.93 1.66
CA GLY A 206 -6.18 2.16 1.83
C GLY A 206 -5.25 1.25 1.07
N LYS A 207 -5.52 -0.06 1.11
CA LYS A 207 -4.64 -0.97 0.40
C LYS A 207 -4.77 -0.78 -1.10
N GLY A 208 -5.91 -0.28 -1.59
CA GLY A 208 -6.09 -0.05 -3.02
C GLY A 208 -5.05 0.82 -3.64
N PHE A 209 -4.64 1.89 -2.91
CA PHE A 209 -3.63 2.79 -3.45
C PHE A 209 -2.30 2.08 -3.61
N PHE A 210 -1.96 1.26 -2.64
CA PHE A 210 -0.73 0.47 -2.66
C PHE A 210 -0.74 -0.54 -3.76
N ILE A 211 -1.86 -1.22 -3.95
CA ILE A 211 -1.94 -2.20 -5.02
C ILE A 211 -1.78 -1.56 -6.36
N ILE A 212 -2.52 -0.48 -6.62
CA ILE A 212 -2.47 0.18 -7.91
C ILE A 212 -1.05 0.69 -8.21
N GLY A 213 -0.41 1.26 -7.22
CA GLY A 213 0.93 1.81 -7.37
C GLY A 213 1.97 0.76 -7.57
N ARG A 214 1.89 -0.35 -6.86
CA ARG A 214 2.94 -1.40 -6.90
C ARG A 214 2.80 -2.40 -8.04
N VAL A 215 1.59 -2.59 -8.58
CA VAL A 215 1.43 -3.57 -9.66
C VAL A 215 2.40 -3.34 -10.82
N PRO A 216 2.72 -2.10 -11.24
CA PRO A 216 3.74 -1.96 -12.29
C PRO A 216 5.07 -2.59 -11.91
N GLY A 217 5.49 -2.45 -10.66
CA GLY A 217 6.71 -3.10 -10.20
C GLY A 217 6.57 -4.62 -10.28
N LEU A 218 5.42 -5.16 -9.86
CA LEU A 218 5.23 -6.61 -9.95
C LEU A 218 5.32 -7.07 -11.40
N VAL A 219 4.68 -6.32 -12.32
CA VAL A 219 4.76 -6.69 -13.72
C VAL A 219 6.22 -6.73 -14.17
N ALA A 220 6.99 -5.68 -13.79
CA ALA A 220 8.41 -5.67 -14.16
C ALA A 220 9.16 -6.90 -13.62
N HIS A 221 8.92 -7.24 -12.36
CA HIS A 221 9.59 -8.39 -11.72
C HIS A 221 9.20 -9.71 -12.39
N VAL A 222 7.91 -9.91 -12.67
CA VAL A 222 7.48 -11.14 -13.28
C VAL A 222 8.00 -11.26 -14.70
N TYR A 223 7.94 -10.16 -15.45
CA TYR A 223 8.47 -10.18 -16.81
C TYR A 223 9.97 -10.52 -16.77
N GLU A 224 10.72 -9.89 -15.87
CA GLU A 224 12.15 -10.16 -15.76
C GLU A 224 12.39 -11.64 -15.43
N GLU A 225 11.61 -12.20 -14.48
CA GLU A 225 11.80 -13.60 -14.14
C GLU A 225 11.53 -14.51 -15.38
N LEU A 226 10.44 -14.23 -16.10
CA LEU A 226 10.06 -15.06 -17.25
C LEU A 226 11.02 -14.99 -18.42
N THR A 227 11.70 -13.86 -18.61
CA THR A 227 12.53 -13.63 -19.79
C THR A 227 14.00 -13.72 -19.52
N THR A 228 14.45 -13.74 -18.25
CA THR A 228 15.88 -13.80 -17.97
C THR A 228 16.34 -15.00 -17.16
N GLU A 229 15.43 -15.83 -16.64
CA GLU A 229 15.78 -16.93 -15.79
C GLU A 229 15.19 -18.20 -16.35
N LYS A 230 15.86 -19.30 -16.07
CA LYS A 230 15.37 -20.58 -16.52
C LYS A 230 14.15 -20.95 -15.67
N PRO A 231 13.14 -21.60 -16.25
CA PRO A 231 12.05 -22.07 -15.41
C PRO A 231 12.55 -22.97 -14.29
N PHE A 232 11.87 -22.85 -13.15
CA PHE A 232 12.15 -23.61 -11.94
C PHE A 232 13.44 -23.19 -11.25
N SER A 233 14.03 -22.03 -11.61
CA SER A 233 15.24 -21.58 -10.97
C SER A 233 14.99 -21.10 -9.53
N LYS A 234 13.77 -20.71 -9.19
CA LYS A 234 13.46 -20.23 -7.83
C LYS A 234 13.04 -21.39 -6.94
N ARG A 235 14.05 -22.04 -6.40
CA ARG A 235 13.89 -23.18 -5.52
C ARG A 235 15.01 -23.13 -4.53
N LEU A 236 14.77 -23.56 -3.31
CA LEU A 236 15.81 -23.55 -2.30
C LEU A 236 16.69 -24.78 -2.45
N ASP A 237 17.86 -24.74 -1.79
CA ASP A 237 18.79 -25.87 -1.68
C ASP A 237 18.64 -26.30 -0.21
N GLU A 238 18.00 -27.44 0.02
CA GLU A 238 17.64 -27.87 1.37
C GLU A 238 18.85 -27.97 2.29
N GLU A 239 19.95 -28.59 1.80
CA GLU A 239 21.14 -28.75 2.63
C GLU A 239 21.77 -27.41 3.03
N ARG A 240 21.72 -26.40 2.15
CA ARG A 240 22.29 -25.08 2.40
C ARG A 240 21.38 -24.04 3.04
N ASP A 241 20.10 -24.00 2.63
CA ASP A 241 19.16 -22.93 3.02
C ASP A 241 18.14 -23.25 4.07
N VAL A 242 17.92 -24.54 4.36
CA VAL A 242 16.86 -24.96 5.28
C VAL A 242 17.35 -25.54 6.57
N GLU A 243 16.70 -25.19 7.68
CA GLU A 243 16.95 -25.82 8.97
C GLU A 243 15.72 -26.71 9.27
N TYR A 244 15.94 -28.01 9.40
CA TYR A 244 14.90 -28.95 9.76
C TYR A 244 14.81 -29.05 11.29
N THR A 245 13.60 -28.87 11.83
CA THR A 245 13.31 -28.82 13.25
C THR A 245 12.34 -29.92 13.69
N GLY A 246 12.04 -30.87 12.82
CA GLY A 246 11.05 -31.87 13.12
C GLY A 246 11.53 -33.19 13.67
N SER A 247 10.71 -34.21 13.50
N SER A 247 10.71 -34.24 13.48
CA SER A 247 11.05 -35.51 14.02
CA SER A 247 11.05 -35.58 13.95
C SER A 247 12.15 -36.15 13.21
C SER A 247 12.22 -36.10 13.18
N PRO A 248 13.17 -36.74 13.85
CA PRO A 248 14.18 -37.47 13.09
C PRO A 248 13.52 -38.71 12.40
N PRO A 249 14.16 -39.30 11.41
CA PRO A 249 13.60 -40.50 10.77
C PRO A 249 13.19 -41.60 11.74
N ARG A 250 12.11 -42.24 11.39
CA ARG A 250 11.54 -43.30 12.18
C ARG A 250 10.83 -44.25 11.27
N GLU A 251 10.81 -45.53 11.67
CA GLU A 251 10.12 -46.55 10.90
C GLU A 251 8.65 -46.57 11.20
N LEU A 252 7.84 -46.92 10.21
CA LEU A 252 6.44 -47.17 10.48
C LEU A 252 6.36 -48.42 11.34
N PRO A 253 5.28 -48.62 12.10
CA PRO A 253 5.06 -49.92 12.74
C PRO A 253 5.09 -51.03 11.70
N GLN A 254 5.69 -52.16 12.04
CA GLN A 254 5.86 -53.22 11.05
C GLN A 254 4.55 -53.71 10.46
N GLU A 255 3.51 -53.82 11.27
CA GLU A 255 2.21 -54.33 10.76
C GLU A 255 1.61 -53.45 9.69
N LEU A 256 2.00 -52.16 9.63
CA LEU A 256 1.49 -51.28 8.59
C LEU A 256 2.22 -51.46 7.28
N LYS A 257 3.41 -52.07 7.27
CA LYS A 257 4.17 -52.31 6.04
C LYS A 257 3.56 -53.53 5.33
N LYS A 258 2.47 -53.27 4.62
CA LYS A 258 1.65 -54.18 3.82
C LYS A 258 0.96 -55.21 4.69
#